data_8J1K
#
_entry.id   8J1K
#
_cell.length_a   80.843
_cell.length_b   80.843
_cell.length_c   63.899
_cell.angle_alpha   90.000
_cell.angle_beta   90.000
_cell.angle_gamma   120.000
#
_symmetry.space_group_name_H-M   'P 63'
#
loop_
_entity.id
_entity.type
_entity.pdbx_description
1 polymer 'Egl nine homolog 1'
2 non-polymer N-[(6-cyanopyridin-3-yl)methyl]-5-oxidanyl-2-[(3R)-3-oxidanylpyrrolidin-1-yl]-1,7-naphthyridine-6-carboxamide
3 non-polymer 'MANGANESE (II) ION'
4 water water
#
_entity_poly.entity_id   1
_entity_poly.type   'polypeptide(L)'
_entity_poly.pdbx_seq_one_letter_code
;PALKLALEYIVPCMNKHGICVVDDFLGKETGQQIGDEVRALHDTGKFTDGQLVSQKSDSSKDIRGDKITWIEGKEPGCET
IGLLMSSMDDLIRHCNGKLGSYKINGRTKAMVACYPGNGTGYVRHVDNPNGDGRCVTCIYYLNKDWDAKVSGGILRIFPE
GKAQFADIEPKFDRLLFFWSDRRNPHEVQPAYATRYAITVWYFDADERARAKVKYLTG
;
_entity_poly.pdbx_strand_id   A
#
loop_
_chem_comp.id
_chem_comp.type
_chem_comp.name
_chem_comp.formula
MN non-polymer 'MANGANESE (II) ION' 'Mn 2'
SY6 non-polymer N-[(6-cyanopyridin-3-yl)methyl]-5-oxidanyl-2-[(3R)-3-oxidanylpyrrolidin-1-yl]-1,7-naphthyridine-6-carboxamide 'C20 H18 N6 O3'
#
# COMPACT_ATOMS: atom_id res chain seq x y z
N PRO A 1 -17.33 -9.06 2.75
CA PRO A 1 -17.10 -10.33 2.05
C PRO A 1 -15.60 -10.65 1.94
N ALA A 2 -14.88 -10.44 3.05
CA ALA A 2 -13.43 -10.49 3.07
C ALA A 2 -12.93 -11.93 2.92
N LEU A 3 -13.58 -12.86 3.63
CA LEU A 3 -13.19 -14.26 3.63
C LEU A 3 -13.09 -14.77 2.18
N LYS A 4 -14.14 -14.50 1.40
CA LYS A 4 -14.23 -14.99 0.03
C LYS A 4 -13.31 -14.18 -0.87
N LEU A 5 -13.31 -12.85 -0.68
CA LEU A 5 -12.41 -11.96 -1.40
C LEU A 5 -10.96 -12.44 -1.25
N ALA A 6 -10.57 -12.71 0.00
CA ALA A 6 -9.20 -13.05 0.32
C ALA A 6 -8.81 -14.38 -0.35
N LEU A 7 -9.64 -15.40 -0.15
CA LEU A 7 -9.27 -16.77 -0.50
C LEU A 7 -9.43 -17.02 -2.01
N GLU A 8 -10.34 -16.29 -2.66
CA GLU A 8 -10.68 -16.56 -4.05
C GLU A 8 -9.85 -15.72 -5.02
N TYR A 9 -9.29 -14.60 -4.54
CA TYR A 9 -8.64 -13.64 -5.43
C TYR A 9 -7.26 -13.24 -4.90
N ILE A 10 -7.22 -12.60 -3.72
CA ILE A 10 -5.99 -12.05 -3.17
C ILE A 10 -4.92 -13.14 -3.13
N VAL A 11 -5.23 -14.24 -2.41
CA VAL A 11 -4.26 -15.31 -2.15
C VAL A 11 -3.72 -15.86 -3.46
N PRO A 12 -4.56 -16.40 -4.38
CA PRO A 12 -4.06 -16.97 -5.63
C PRO A 12 -3.42 -15.93 -6.55
N CYS A 13 -3.94 -14.71 -6.54
CA CYS A 13 -3.44 -13.64 -7.38
C CYS A 13 -2.04 -13.23 -6.92
N MET A 14 -1.85 -13.14 -5.60
CA MET A 14 -0.58 -12.74 -5.04
C MET A 14 0.43 -13.89 -5.14
N ASN A 15 -0.04 -15.13 -4.96
CA ASN A 15 0.83 -16.28 -5.02
C ASN A 15 1.30 -16.53 -6.46
N LYS A 16 0.47 -16.16 -7.44
CA LYS A 16 0.77 -16.46 -8.83
C LYS A 16 1.53 -15.30 -9.48
N HIS A 17 1.19 -14.06 -9.10
CA HIS A 17 1.69 -12.88 -9.78
C HIS A 17 2.52 -11.99 -8.86
N GLY A 18 2.33 -12.11 -7.54
CA GLY A 18 3.03 -11.27 -6.59
C GLY A 18 2.50 -9.84 -6.55
N ILE A 19 1.39 -9.59 -7.27
CA ILE A 19 0.73 -8.29 -7.30
C ILE A 19 -0.78 -8.54 -7.40
N CYS A 20 -1.57 -7.66 -6.75
CA CYS A 20 -3.00 -7.83 -6.75
C CYS A 20 -3.70 -6.48 -6.59
N VAL A 21 -4.57 -6.16 -7.55
CA VAL A 21 -5.31 -4.91 -7.56
C VAL A 21 -6.75 -5.18 -7.16
N VAL A 22 -7.24 -4.40 -6.19
CA VAL A 22 -8.61 -4.50 -5.70
C VAL A 22 -9.24 -3.11 -5.81
N ASP A 23 -9.88 -2.84 -6.95
CA ASP A 23 -10.59 -1.59 -7.17
C ASP A 23 -11.84 -1.53 -6.29
N ASP A 24 -12.33 -0.31 -6.07
CA ASP A 24 -13.59 -0.08 -5.39
C ASP A 24 -13.57 -0.81 -4.04
N PHE A 25 -12.66 -0.36 -3.16
CA PHE A 25 -12.46 -1.02 -1.89
C PHE A 25 -13.55 -0.61 -0.90
N LEU A 26 -13.59 0.68 -0.56
CA LEU A 26 -14.45 1.18 0.51
C LEU A 26 -15.66 1.94 -0.06
N GLY A 27 -15.77 2.05 -1.39
CA GLY A 27 -16.85 2.80 -2.00
C GLY A 27 -16.60 4.30 -1.94
N LYS A 28 -17.29 5.05 -2.81
CA LYS A 28 -17.02 6.46 -3.04
C LYS A 28 -17.10 7.26 -1.73
N GLU A 29 -18.22 7.10 -1.01
CA GLU A 29 -18.50 7.92 0.16
C GLU A 29 -17.39 7.78 1.19
N THR A 30 -17.04 6.52 1.51
CA THR A 30 -16.06 6.22 2.55
C THR A 30 -14.70 6.80 2.20
N GLY A 31 -14.35 6.74 0.91
CA GLY A 31 -13.06 7.22 0.43
C GLY A 31 -12.93 8.74 0.51
N GLN A 32 -14.04 9.44 0.28
CA GLN A 32 -14.06 10.90 0.27
C GLN A 32 -13.78 11.44 1.67
N GLN A 33 -14.32 10.78 2.69
CA GLN A 33 -14.12 11.18 4.07
C GLN A 33 -12.64 11.02 4.44
N ILE A 34 -12.07 9.87 4.07
CA ILE A 34 -10.65 9.61 4.25
C ILE A 34 -9.86 10.67 3.50
N GLY A 35 -10.22 10.87 2.22
CA GLY A 35 -9.64 11.92 1.40
C GLY A 35 -9.64 13.28 2.11
N ASP A 36 -10.77 13.61 2.75
CA ASP A 36 -10.94 14.88 3.43
C ASP A 36 -10.07 14.94 4.68
N GLU A 37 -9.98 13.81 5.40
CA GLU A 37 -9.17 13.74 6.61
C GLU A 37 -7.70 13.96 6.27
N VAL A 38 -7.22 13.30 5.21
CA VAL A 38 -5.83 13.41 4.80
C VAL A 38 -5.54 14.85 4.38
N ARG A 39 -6.44 15.44 3.59
CA ARG A 39 -6.27 16.81 3.12
C ARG A 39 -6.20 17.78 4.30
N ALA A 40 -7.08 17.57 5.28
CA ALA A 40 -7.14 18.41 6.48
C ALA A 40 -5.78 18.40 7.18
N LEU A 41 -5.23 17.21 7.39
CA LEU A 41 -3.94 17.03 8.06
C LEU A 41 -2.83 17.70 7.26
N HIS A 42 -2.85 17.53 5.93
CA HIS A 42 -1.87 18.13 5.06
C HIS A 42 -1.95 19.65 5.14
N ASP A 43 -3.15 20.19 4.90
CA ASP A 43 -3.37 21.63 4.83
C ASP A 43 -2.92 22.30 6.12
N THR A 44 -3.28 21.68 7.26
CA THR A 44 -2.87 22.17 8.57
C THR A 44 -2.59 21.00 9.49
N GLY A 45 -1.45 21.04 10.20
CA GLY A 45 -1.11 20.04 11.19
C GLY A 45 -2.16 19.96 12.29
N LYS A 46 -2.42 18.75 12.80
CA LYS A 46 -3.45 18.52 13.79
C LYS A 46 -3.02 19.17 15.11
N PHE A 47 -1.88 18.74 15.65
CA PHE A 47 -1.39 19.22 16.94
C PHE A 47 0.14 19.31 16.91
N ILE A 68 4.60 13.93 5.52
CA ILE A 68 4.85 12.45 5.47
C ILE A 68 4.88 11.93 6.90
N THR A 69 3.71 11.51 7.40
CA THR A 69 3.50 11.24 8.81
C THR A 69 2.93 9.85 9.02
N TRP A 70 2.96 9.39 10.27
CA TRP A 70 2.52 8.05 10.65
C TRP A 70 1.25 8.12 11.49
N ILE A 71 0.19 7.44 11.05
CA ILE A 71 -1.09 7.43 11.73
C ILE A 71 -1.33 6.05 12.32
N GLU A 72 -1.58 6.01 13.63
CA GLU A 72 -1.85 4.77 14.34
C GLU A 72 -3.27 4.31 14.01
N GLY A 73 -4.20 5.27 13.90
CA GLY A 73 -5.55 4.99 13.45
C GLY A 73 -6.63 5.45 14.44
N LYS A 74 -6.23 5.82 15.66
CA LYS A 74 -7.18 6.16 16.72
C LYS A 74 -7.23 7.66 16.95
N GLU A 75 -6.37 8.42 16.27
CA GLU A 75 -6.18 9.83 16.57
C GLU A 75 -7.46 10.61 16.25
N PRO A 76 -7.64 11.81 16.85
CA PRO A 76 -8.77 12.69 16.50
C PRO A 76 -8.63 13.23 15.09
N GLY A 77 -9.66 12.99 14.27
CA GLY A 77 -9.66 13.44 12.88
C GLY A 77 -9.08 12.40 11.92
N CYS A 78 -8.85 11.18 12.43
CA CYS A 78 -8.24 10.10 11.65
C CYS A 78 -9.03 8.81 11.84
N GLU A 79 -10.34 8.95 12.05
CA GLU A 79 -11.19 7.80 12.40
C GLU A 79 -11.40 6.93 11.17
N THR A 80 -11.75 7.54 10.03
CA THR A 80 -12.00 6.81 8.80
C THR A 80 -10.69 6.27 8.23
N ILE A 81 -9.58 6.95 8.52
CA ILE A 81 -8.25 6.46 8.20
C ILE A 81 -8.00 5.15 8.95
N GLY A 82 -8.47 5.08 10.20
CA GLY A 82 -8.37 3.88 11.02
C GLY A 82 -9.25 2.75 10.51
N LEU A 83 -10.43 3.10 9.99
CA LEU A 83 -11.36 2.13 9.42
C LEU A 83 -10.69 1.39 8.27
N LEU A 84 -10.08 2.16 7.37
CA LEU A 84 -9.32 1.62 6.24
C LEU A 84 -8.31 0.58 6.73
N MET A 85 -7.61 0.91 7.82
CA MET A 85 -6.56 0.06 8.36
C MET A 85 -7.16 -1.24 8.90
N SER A 86 -8.33 -1.15 9.56
CA SER A 86 -9.02 -2.32 10.09
C SER A 86 -9.53 -3.20 8.94
N SER A 87 -10.08 -2.56 7.90
CA SER A 87 -10.53 -3.26 6.71
C SER A 87 -9.35 -4.00 6.07
N MET A 88 -8.25 -3.26 5.86
CA MET A 88 -7.03 -3.82 5.29
C MET A 88 -6.62 -5.04 6.12
N ASP A 89 -6.53 -4.86 7.44
CA ASP A 89 -6.16 -5.92 8.36
C ASP A 89 -7.09 -7.11 8.18
N ASP A 90 -8.40 -6.85 8.08
CA ASP A 90 -9.41 -7.89 8.01
C ASP A 90 -9.12 -8.80 6.82
N LEU A 91 -8.82 -8.20 5.67
CA LEU A 91 -8.52 -8.95 4.45
C LEU A 91 -7.31 -9.84 4.67
N ILE A 92 -6.29 -9.30 5.36
CA ILE A 92 -5.06 -10.01 5.64
C ILE A 92 -5.33 -11.17 6.60
N ARG A 93 -6.14 -10.92 7.64
CA ARG A 93 -6.55 -11.97 8.57
C ARG A 93 -7.14 -13.13 7.77
N HIS A 94 -8.10 -12.81 6.89
CA HIS A 94 -8.92 -13.82 6.22
C HIS A 94 -8.16 -14.50 5.08
N CYS A 95 -6.94 -14.02 4.76
CA CYS A 95 -6.02 -14.77 3.93
C CYS A 95 -5.57 -16.03 4.67
N ASN A 96 -5.58 -15.95 6.01
CA ASN A 96 -5.40 -17.11 6.89
C ASN A 96 -4.03 -17.73 6.66
N GLY A 97 -3.01 -16.88 6.49
CA GLY A 97 -1.62 -17.31 6.39
C GLY A 97 -1.33 -18.08 5.10
N LYS A 98 -2.09 -17.77 4.03
CA LYS A 98 -1.92 -18.45 2.75
C LYS A 98 -1.22 -17.53 1.73
N LEU A 99 -0.88 -16.30 2.15
CA LEU A 99 -0.07 -15.41 1.34
C LEU A 99 1.38 -15.88 1.39
N GLY A 100 1.77 -16.71 0.42
CA GLY A 100 3.07 -17.36 0.44
C GLY A 100 3.20 -18.26 1.66
N SER A 101 4.38 -18.21 2.31
CA SER A 101 4.62 -18.92 3.55
C SER A 101 4.75 -17.93 4.70
N TYR A 102 4.23 -16.71 4.50
CA TYR A 102 4.42 -15.64 5.46
C TYR A 102 3.43 -15.79 6.61
N LYS A 103 3.93 -15.55 7.83
CA LYS A 103 3.12 -15.46 9.03
C LYS A 103 3.05 -14.00 9.44
N ILE A 104 1.93 -13.34 9.10
CA ILE A 104 1.77 -11.91 9.31
C ILE A 104 1.21 -11.68 10.71
N ASN A 105 2.06 -11.15 11.61
CA ASN A 105 1.76 -11.05 13.02
C ASN A 105 1.86 -9.59 13.47
N GLY A 106 1.55 -8.67 12.54
CA GLY A 106 1.70 -7.24 12.79
C GLY A 106 1.94 -6.47 11.50
N ARG A 107 2.04 -5.14 11.64
CA ARG A 107 2.26 -4.28 10.50
C ARG A 107 2.76 -2.91 10.98
N THR A 108 3.19 -2.10 10.03
CA THR A 108 3.58 -0.72 10.29
C THR A 108 2.33 0.10 10.56
N LYS A 109 2.53 1.32 11.08
CA LYS A 109 1.50 2.34 11.09
C LYS A 109 1.23 2.75 9.65
N ALA A 110 0.21 3.61 9.46
CA ALA A 110 -0.16 4.08 8.14
C ALA A 110 0.71 5.27 7.75
N MET A 111 1.36 5.18 6.58
CA MET A 111 2.11 6.31 6.05
C MET A 111 1.18 7.10 5.13
N VAL A 112 0.69 8.24 5.63
CA VAL A 112 -0.11 9.16 4.86
C VAL A 112 0.84 10.14 4.17
N ALA A 113 0.97 10.03 2.84
CA ALA A 113 1.93 10.79 2.07
C ALA A 113 1.23 11.71 1.08
N CYS A 114 1.84 12.88 0.87
CA CYS A 114 1.43 13.81 -0.17
C CYS A 114 2.48 13.81 -1.28
N TYR A 115 2.07 13.40 -2.49
CA TYR A 115 2.98 13.27 -3.62
C TYR A 115 2.71 14.39 -4.61
N PRO A 116 3.66 15.34 -4.82
CA PRO A 116 3.36 16.56 -5.57
C PRO A 116 3.16 16.34 -7.07
N GLY A 117 2.60 17.36 -7.73
CA GLY A 117 2.42 17.37 -9.16
C GLY A 117 3.45 18.28 -9.83
N ASN A 118 4.73 18.02 -9.53
CA ASN A 118 5.81 18.93 -9.89
C ASN A 118 6.74 18.28 -10.91
N GLY A 119 6.21 17.30 -11.66
CA GLY A 119 6.94 16.70 -12.77
C GLY A 119 8.12 15.83 -12.31
N THR A 120 8.04 15.33 -11.08
CA THR A 120 9.06 14.45 -10.56
C THR A 120 8.50 13.04 -10.44
N GLY A 121 9.26 12.06 -10.93
CA GLY A 121 8.94 10.66 -10.74
C GLY A 121 9.80 10.07 -9.63
N TYR A 122 9.44 8.84 -9.19
CA TYR A 122 10.22 8.14 -8.19
C TYR A 122 11.05 7.06 -8.87
N VAL A 123 12.34 7.00 -8.52
CA VAL A 123 13.30 6.14 -9.18
C VAL A 123 12.97 4.69 -8.82
N ARG A 124 13.23 3.78 -9.77
CA ARG A 124 12.91 2.37 -9.57
C ARG A 124 13.54 1.91 -8.26
N HIS A 125 12.70 1.40 -7.36
CA HIS A 125 13.17 1.00 -6.04
C HIS A 125 12.50 -0.31 -5.64
N VAL A 126 13.14 -1.01 -4.71
CA VAL A 126 12.51 -2.11 -4.00
C VAL A 126 12.12 -1.59 -2.62
N ASP A 127 10.85 -1.78 -2.25
CA ASP A 127 10.36 -1.26 -0.98
C ASP A 127 11.17 -1.86 0.17
N ASN A 128 11.39 -3.19 0.16
CA ASN A 128 12.11 -3.86 1.24
C ASN A 128 13.31 -4.63 0.70
N PRO A 129 14.46 -3.95 0.42
CA PRO A 129 15.61 -4.61 -0.18
C PRO A 129 16.49 -5.46 0.74
N ASN A 130 16.45 -5.21 2.05
CA ASN A 130 17.46 -5.74 2.96
C ASN A 130 16.84 -6.63 4.03
N GLY A 131 15.62 -7.13 3.79
CA GLY A 131 15.01 -8.12 4.66
C GLY A 131 14.73 -7.57 6.06
N ASP A 132 13.99 -6.45 6.12
CA ASP A 132 13.77 -5.74 7.37
C ASP A 132 12.46 -6.18 8.03
N GLY A 133 11.82 -7.22 7.48
CA GLY A 133 10.61 -7.78 8.07
C GLY A 133 9.37 -7.58 7.20
N ARG A 134 9.38 -6.53 6.37
CA ARG A 134 8.21 -6.11 5.61
C ARG A 134 8.08 -6.97 4.34
N CYS A 135 6.99 -7.77 4.29
CA CYS A 135 6.82 -8.80 3.27
C CYS A 135 5.76 -8.41 2.24
N VAL A 136 4.78 -7.58 2.64
CA VAL A 136 3.72 -7.17 1.73
C VAL A 136 3.57 -5.65 1.81
N THR A 137 3.61 -5.01 0.64
CA THR A 137 3.23 -3.60 0.52
C THR A 137 1.73 -3.55 0.24
N CYS A 138 1.08 -2.52 0.80
CA CYS A 138 -0.36 -2.34 0.67
C CYS A 138 -0.64 -0.85 0.57
N ILE A 139 -1.12 -0.41 -0.60
CA ILE A 139 -1.33 1.00 -0.88
C ILE A 139 -2.80 1.23 -1.20
N TYR A 140 -3.39 2.23 -0.52
CA TYR A 140 -4.71 2.73 -0.87
C TYR A 140 -4.56 4.12 -1.48
N TYR A 141 -5.20 4.34 -2.63
CA TYR A 141 -5.10 5.58 -3.38
C TYR A 141 -6.34 6.44 -3.13
N LEU A 142 -6.15 7.76 -3.16
CA LEU A 142 -7.14 8.72 -2.70
C LEU A 142 -7.40 9.81 -3.74
N ASN A 143 -7.11 9.52 -5.01
CA ASN A 143 -7.10 10.54 -6.04
C ASN A 143 -8.39 10.45 -6.84
N LYS A 144 -9.38 11.27 -6.46
CA LYS A 144 -10.70 11.23 -7.07
C LYS A 144 -10.62 11.70 -8.52
N ASP A 145 -11.40 11.04 -9.40
CA ASP A 145 -11.52 11.44 -10.79
C ASP A 145 -10.13 11.66 -11.39
N TRP A 146 -9.21 10.73 -11.10
CA TRP A 146 -7.84 10.85 -11.56
C TRP A 146 -7.72 10.24 -12.95
N ASP A 147 -7.12 11.01 -13.87
CA ASP A 147 -6.87 10.56 -15.23
C ASP A 147 -5.38 10.71 -15.52
N ALA A 148 -4.68 9.57 -15.55
CA ALA A 148 -3.22 9.57 -15.68
C ALA A 148 -2.81 10.08 -17.05
N LYS A 149 -3.76 10.13 -17.99
CA LYS A 149 -3.52 10.61 -19.34
C LYS A 149 -3.22 12.11 -19.31
N VAL A 150 -3.79 12.82 -18.32
CA VAL A 150 -3.54 14.25 -18.15
C VAL A 150 -2.59 14.47 -16.96
N SER A 151 -2.73 13.66 -15.91
CA SER A 151 -2.10 13.94 -14.62
C SER A 151 -0.88 13.05 -14.37
N GLY A 152 -0.68 12.00 -15.18
CA GLY A 152 0.46 11.11 -15.00
C GLY A 152 0.35 10.29 -13.71
N GLY A 153 1.51 10.02 -13.08
CA GLY A 153 1.57 9.42 -11.76
C GLY A 153 1.50 7.90 -11.79
N ILE A 154 1.73 7.30 -12.96
CA ILE A 154 1.61 5.87 -13.17
C ILE A 154 2.68 5.14 -12.38
N LEU A 155 2.29 4.04 -11.72
CA LEU A 155 3.21 3.10 -11.10
C LEU A 155 3.57 2.01 -12.11
N ARG A 156 4.87 1.84 -12.36
CA ARG A 156 5.38 0.74 -13.16
C ARG A 156 6.13 -0.23 -12.26
N ILE A 157 5.67 -1.48 -12.23
CA ILE A 157 6.29 -2.53 -11.43
C ILE A 157 6.84 -3.58 -12.39
N PHE A 158 7.98 -4.17 -12.02
CA PHE A 158 8.63 -5.17 -12.87
C PHE A 158 8.80 -6.48 -12.11
N PRO A 159 7.74 -7.34 -12.03
CA PRO A 159 7.86 -8.67 -11.43
C PRO A 159 9.11 -9.39 -11.92
N GLU A 160 9.95 -9.81 -10.97
CA GLU A 160 11.35 -10.14 -11.22
C GLU A 160 11.51 -11.18 -12.33
N GLY A 161 10.66 -12.22 -12.32
CA GLY A 161 10.89 -13.38 -13.15
C GLY A 161 10.05 -13.38 -14.43
N LYS A 162 9.33 -12.28 -14.69
CA LYS A 162 8.30 -12.28 -15.71
C LYS A 162 8.77 -11.52 -16.95
N ALA A 163 8.14 -11.84 -18.08
CA ALA A 163 8.46 -11.24 -19.36
C ALA A 163 7.73 -9.90 -19.51
N GLN A 164 6.85 -9.57 -18.56
CA GLN A 164 6.05 -8.36 -18.66
C GLN A 164 6.18 -7.51 -17.40
N PHE A 165 5.77 -6.24 -17.55
CA PHE A 165 5.67 -5.29 -16.46
C PHE A 165 4.28 -4.67 -16.47
N ALA A 166 3.92 -3.99 -15.38
CA ALA A 166 2.55 -3.51 -15.19
C ALA A 166 2.55 -2.01 -14.89
N ASP A 167 1.76 -1.26 -15.67
CA ASP A 167 1.43 0.12 -15.37
C ASP A 167 0.09 0.15 -14.62
N ILE A 168 0.12 0.75 -13.42
CA ILE A 168 -1.03 0.79 -12.54
C ILE A 168 -1.31 2.25 -12.18
N GLU A 169 -2.51 2.72 -12.55
CA GLU A 169 -2.96 4.06 -12.24
C GLU A 169 -3.16 4.19 -10.72
N PRO A 170 -2.92 5.38 -10.13
CA PRO A 170 -3.29 5.63 -8.74
C PRO A 170 -4.75 6.08 -8.63
N LYS A 171 -5.67 5.18 -9.01
CA LYS A 171 -7.08 5.52 -9.15
C LYS A 171 -7.74 5.54 -7.78
N PHE A 172 -8.70 6.46 -7.61
CA PHE A 172 -9.47 6.58 -6.39
C PHE A 172 -10.02 5.23 -5.93
N ASP A 173 -9.93 4.99 -4.62
CA ASP A 173 -10.56 3.84 -3.97
C ASP A 173 -10.00 2.53 -4.53
N ARG A 174 -8.77 2.57 -5.06
CA ARG A 174 -8.08 1.35 -5.45
C ARG A 174 -7.19 0.91 -4.30
N LEU A 175 -7.17 -0.41 -4.04
CA LEU A 175 -6.25 -1.00 -3.09
C LEU A 175 -5.30 -1.92 -3.84
N LEU A 176 -3.99 -1.69 -3.65
CA LEU A 176 -2.96 -2.46 -4.33
C LEU A 176 -2.13 -3.23 -3.30
N PHE A 177 -1.80 -4.47 -3.65
CA PHE A 177 -0.91 -5.33 -2.90
C PHE A 177 0.25 -5.76 -3.79
N PHE A 178 1.45 -5.87 -3.19
CA PHE A 178 2.56 -6.54 -3.85
C PHE A 178 3.64 -6.87 -2.82
N TRP A 179 4.44 -7.91 -3.11
CA TRP A 179 5.58 -8.26 -2.27
C TRP A 179 6.53 -7.06 -2.21
N SER A 180 6.99 -6.72 -1.00
CA SER A 180 7.82 -5.56 -0.77
C SER A 180 9.27 -5.80 -1.21
N ASP A 181 9.67 -7.08 -1.31
CA ASP A 181 11.06 -7.45 -1.49
C ASP A 181 11.45 -7.31 -2.96
N ARG A 182 12.57 -7.93 -3.33
CA ARG A 182 13.22 -7.72 -4.62
C ARG A 182 12.37 -8.24 -5.79
N ARG A 183 11.24 -8.88 -5.50
CA ARG A 183 10.40 -9.45 -6.54
C ARG A 183 9.59 -8.36 -7.24
N ASN A 184 9.43 -7.18 -6.60
CA ASN A 184 8.69 -6.09 -7.20
C ASN A 184 9.48 -4.79 -7.12
N PRO A 185 10.54 -4.63 -7.94
CA PRO A 185 11.11 -3.30 -8.18
C PRO A 185 10.02 -2.47 -8.86
N HIS A 186 9.91 -1.20 -8.46
CA HIS A 186 8.85 -0.35 -8.98
C HIS A 186 9.34 1.10 -9.06
N GLU A 187 8.87 1.80 -10.09
CA GLU A 187 9.12 3.22 -10.29
C GLU A 187 7.77 3.91 -10.51
N VAL A 188 7.74 5.22 -10.33
CA VAL A 188 6.52 5.99 -10.51
C VAL A 188 6.79 7.16 -11.46
N GLN A 189 6.02 7.20 -12.55
CA GLN A 189 6.16 8.25 -13.54
C GLN A 189 5.80 9.58 -12.90
N PRO A 190 6.25 10.72 -13.47
CA PRO A 190 5.93 12.04 -12.91
C PRO A 190 4.43 12.32 -12.98
N ALA A 191 3.98 13.20 -12.07
CA ALA A 191 2.59 13.63 -12.01
C ALA A 191 2.54 15.15 -12.14
N TYR A 192 1.37 15.66 -12.56
CA TYR A 192 1.17 17.07 -12.77
C TYR A 192 -0.06 17.54 -11.99
N ALA A 193 -0.30 16.87 -10.86
CA ALA A 193 -1.30 17.26 -9.89
C ALA A 193 -1.00 16.55 -8.58
N THR A 194 -1.33 17.21 -7.46
CA THR A 194 -1.03 16.68 -6.14
C THR A 194 -1.74 15.33 -5.97
N ARG A 195 -1.08 14.41 -5.25
CA ARG A 195 -1.57 13.06 -5.07
C ARG A 195 -1.53 12.68 -3.58
N TYR A 196 -2.52 11.90 -3.17
CA TYR A 196 -2.58 11.39 -1.80
C TYR A 196 -2.70 9.87 -1.86
N ALA A 197 -2.05 9.19 -0.91
CA ALA A 197 -2.08 7.74 -0.81
C ALA A 197 -1.62 7.32 0.58
N ILE A 198 -2.11 6.17 1.03
CA ILE A 198 -1.81 5.62 2.34
C ILE A 198 -1.16 4.25 2.15
N THR A 199 0.02 4.05 2.76
CA THR A 199 0.78 2.83 2.63
C THR A 199 0.96 2.17 3.99
N VAL A 200 0.74 0.85 4.05
CA VAL A 200 1.12 0.04 5.19
C VAL A 200 1.93 -1.14 4.67
N TRP A 201 2.87 -1.59 5.50
CA TRP A 201 3.71 -2.74 5.22
C TRP A 201 3.43 -3.81 6.26
N TYR A 202 3.13 -5.04 5.80
CA TYR A 202 2.79 -6.13 6.70
C TYR A 202 4.03 -6.98 6.96
N PHE A 203 4.30 -7.21 8.25
CA PHE A 203 5.51 -7.88 8.69
C PHE A 203 5.35 -9.39 8.56
N ASP A 204 6.43 -10.07 8.16
CA ASP A 204 6.58 -11.49 8.39
C ASP A 204 7.22 -11.67 9.77
N ALA A 205 6.70 -12.63 10.55
CA ALA A 205 7.11 -12.82 11.93
C ALA A 205 8.58 -13.21 11.99
N ASP A 206 8.97 -14.18 11.15
CA ASP A 206 10.32 -14.74 11.17
C ASP A 206 11.33 -13.75 10.61
N GLU A 207 10.90 -12.93 9.65
CA GLU A 207 11.79 -12.01 8.94
C GLU A 207 12.05 -10.79 9.83
N ARG A 208 11.01 -10.26 10.48
CA ARG A 208 11.17 -9.16 11.41
C ARG A 208 11.99 -9.61 12.61
N ALA A 209 11.82 -10.88 13.02
CA ALA A 209 12.60 -11.45 14.11
C ALA A 209 14.09 -11.44 13.74
N ARG A 210 14.42 -11.96 12.56
CA ARG A 210 15.79 -12.08 12.10
C ARG A 210 16.41 -10.70 11.94
N ALA A 211 15.61 -9.70 11.56
CA ALA A 211 16.10 -8.35 11.32
C ALA A 211 16.42 -7.66 12.65
N LYS A 212 15.64 -7.97 13.69
CA LYS A 212 15.85 -7.39 15.00
C LYS A 212 17.18 -7.88 15.57
N VAL A 213 17.44 -9.18 15.48
CA VAL A 213 18.65 -9.77 16.02
C VAL A 213 19.81 -9.62 15.03
N LYS A 214 19.57 -8.88 13.93
CA LYS A 214 20.64 -8.48 13.03
C LYS A 214 21.08 -7.06 13.33
N TYR A 215 20.14 -6.16 13.61
CA TYR A 215 20.48 -4.78 13.91
C TYR A 215 21.35 -4.73 15.17
N LEU A 216 20.85 -5.34 16.25
CA LEU A 216 21.69 -5.68 17.38
C LEU A 216 22.45 -6.96 17.03
N THR A 217 23.68 -7.09 17.52
CA THR A 217 24.63 -8.09 17.06
C THR A 217 24.56 -8.18 15.54
N GLY A 218 24.51 -9.42 15.01
CA GLY A 218 24.36 -9.63 13.57
C GLY A 218 25.61 -9.21 12.80
C1 SY6 B . 10.06 2.19 5.85
C2 SY6 B . 10.50 3.62 6.11
C3 SY6 B . 10.70 4.21 4.72
N4 SY6 B . 9.68 3.51 3.95
C5 SY6 B . 9.22 2.28 4.60
O6 SY6 B . 11.73 3.63 6.81
C7 SY6 B . 9.16 3.95 2.77
C8 SY6 B . 8.73 5.30 2.60
C9 SY6 B . 8.20 5.68 1.42
C10 SY6 B . 8.07 4.72 0.38
C11 SY6 B . 8.51 3.40 0.60
N12 SY6 B . 9.04 3.04 1.81
C13 SY6 B . 8.39 2.44 -0.41
N14 SY6 B . 7.88 2.71 -1.61
C15 SY6 B . 7.45 3.95 -1.87
C16 SY6 B . 7.53 5.01 -0.91
O17 SY6 B . 7.10 6.26 -1.17
C18 SY6 B . 6.89 4.17 -3.24
N19 SY6 B . 6.43 5.41 -3.47
C20 SY6 B . 6.04 5.92 -4.78
C21 SY6 B . 4.61 6.40 -4.81
C22 SY6 B . 4.25 7.55 -5.48
N23 SY6 B . 3.00 8.01 -5.54
C24 SY6 B . 2.02 7.32 -4.93
C25 SY6 B . 2.29 6.14 -4.25
C26 SY6 B . 3.59 5.69 -4.19
C27 SY6 B . 0.68 7.84 -5.06
O28 SY6 B . 6.88 3.23 -4.02
N29 SY6 B . -0.45 8.12 -5.13
MN MN C . 7.76 1.86 -3.26
#